data_4L8Q
#
_entry.id   4L8Q
#
_cell.length_a   63.422
_cell.length_b   65.152
_cell.length_c   106.708
_cell.angle_alpha   90.000
_cell.angle_beta   90.000
_cell.angle_gamma   90.000
#
_symmetry.space_group_name_H-M   'I 2 2 2'
#
loop_
_entity.id
_entity.type
_entity.pdbx_description
1 polymer 'Canavalia grandiflora seed lectin'
2 non-polymer 'CALCIUM ION'
3 non-polymer 'MANGANESE (II) ION'
4 non-polymer '5-bromo-4-chloro-1H-indol-3-yl alpha-D-mannopyranoside'
5 non-polymer 'SULFATE ION'
6 non-polymer 'CADMIUM ION'
7 non-polymer GLYCEROL
8 water water
#
_entity_poly.entity_id   1
_entity_poly.type   'polypeptide(L)'
_entity_poly.pdbx_seq_one_letter_code
;ADTIVAVELDTYPNTDIGDPNYPHIGIDIKSIRSKKIAKWNMQDGKVATAHIIYNSVGKRLSAVVSYPNADSATVSYDVD
LDNVLPEWVRVGLSATTGLYKETNTILSWSFTSKLKSNSTAETNALHFTFNQFTKDQKDLILQGDATTDSDGNLQLTRVS
SDGTPQGNSVGRALFYAPVHIWESSAVVASFDATFTFLIKSPDSDPADGITFFISNMDSTIPSGSGGRLLGLFPDAN
;
_entity_poly.pdbx_strand_id   A
#
loop_
_chem_comp.id
_chem_comp.type
_chem_comp.name
_chem_comp.formula
CA non-polymer 'CALCIUM ION' 'Ca 2'
CD non-polymer 'CADMIUM ION' 'Cd 2'
GOL non-polymer GLYCEROL 'C3 H8 O3'
MN non-polymer 'MANGANESE (II) ION' 'Mn 2'
SO4 non-polymer 'SULFATE ION' 'O4 S -2'
XMM D-saccharide '5-bromo-4-chloro-1H-indol-3-yl alpha-D-mannopyranoside' 'C14 H15 Br Cl N O6'
#
# COMPACT_ATOMS: atom_id res chain seq x y z
N ALA A 1 10.79 -13.89 -8.98
CA ALA A 1 10.60 -12.70 -8.16
C ALA A 1 9.55 -11.77 -8.72
N ASP A 2 8.80 -11.16 -7.84
CA ASP A 2 7.77 -10.23 -8.20
C ASP A 2 8.28 -8.87 -8.57
N THR A 3 7.45 -8.16 -9.30
CA THR A 3 7.72 -6.79 -9.62
C THR A 3 6.72 -5.94 -8.84
N ILE A 4 7.28 -5.01 -8.04
CA ILE A 4 6.52 -4.22 -7.14
C ILE A 4 6.84 -2.75 -7.27
N VAL A 5 5.77 -1.98 -7.35
CA VAL A 5 5.84 -0.59 -7.15
C VAL A 5 4.87 -0.39 -6.00
N ALA A 6 5.25 0.41 -5.03
CA ALA A 6 4.47 0.54 -3.83
C ALA A 6 4.64 1.90 -3.30
N VAL A 7 3.61 2.36 -2.61
CA VAL A 7 3.76 3.54 -1.85
C VAL A 7 3.63 3.06 -0.44
N GLU A 8 4.65 3.31 0.35
CA GLU A 8 4.71 2.69 1.67
C GLU A 8 4.48 3.77 2.69
N LEU A 9 3.61 3.48 3.64
CA LEU A 9 3.39 4.36 4.77
C LEU A 9 4.12 3.55 5.80
N ASP A 10 5.37 3.94 6.00
CA ASP A 10 6.27 3.12 6.76
C ASP A 10 6.35 3.74 8.14
N THR A 11 5.94 3.01 9.16
CA THR A 11 5.80 3.63 10.44
C THR A 11 6.99 3.47 11.33
N TYR A 12 7.89 2.61 10.92
CA TYR A 12 9.00 2.17 11.73
C TYR A 12 10.32 2.25 10.98
N PRO A 13 11.26 3.01 11.56
CA PRO A 13 12.54 3.28 10.91
C PRO A 13 13.43 2.03 11.03
N ASN A 14 13.52 1.25 9.96
CA ASN A 14 14.50 0.21 9.92
C ASN A 14 15.74 0.78 9.27
N THR A 15 16.54 1.54 10.00
CA THR A 15 17.76 2.17 9.41
C THR A 15 18.65 1.20 8.63
N ASP A 16 18.84 -0.01 9.10
CA ASP A 16 19.63 -0.99 8.37
C ASP A 16 19.23 -1.30 6.94
N ILE A 17 18.04 -0.87 6.51
CA ILE A 17 17.60 -1.12 5.14
C ILE A 17 17.25 0.13 4.38
N GLY A 18 17.66 1.26 4.94
CA GLY A 18 17.61 2.50 4.22
C GLY A 18 16.71 3.55 4.80
N ASP A 19 15.70 3.14 5.59
CA ASP A 19 14.73 4.10 6.10
C ASP A 19 15.44 5.29 6.70
N PRO A 20 14.86 6.48 6.51
CA PRO A 20 15.34 7.63 7.22
C PRO A 20 15.01 7.45 8.69
N ASN A 21 15.41 8.36 9.56
CA ASN A 21 15.10 8.15 10.97
C ASN A 21 13.76 8.62 11.38
N TYR A 22 12.73 8.22 10.69
CA TYR A 22 11.42 8.59 11.10
C TYR A 22 10.33 7.84 10.37
N PRO A 23 9.12 7.86 10.87
CA PRO A 23 8.06 7.42 10.02
C PRO A 23 8.04 8.26 8.75
N HIS A 24 7.84 7.56 7.65
CA HIS A 24 8.01 8.16 6.34
C HIS A 24 7.01 7.55 5.37
N ILE A 25 6.57 8.38 4.44
CA ILE A 25 5.83 7.90 3.29
C ILE A 25 6.91 7.61 2.25
N GLY A 26 6.94 6.41 1.66
CA GLY A 26 7.97 6.10 0.67
C GLY A 26 7.41 5.61 -0.64
N ILE A 27 8.13 5.93 -1.72
CA ILE A 27 7.86 5.32 -3.03
C ILE A 27 8.92 4.26 -3.30
N ASP A 28 8.45 3.03 -3.49
CA ASP A 28 9.30 1.89 -3.60
C ASP A 28 9.17 1.46 -5.02
N ILE A 29 10.30 1.41 -5.73
CA ILE A 29 10.25 0.81 -7.04
C ILE A 29 11.13 -0.43 -7.06
N LYS A 30 10.56 -1.61 -6.89
CA LYS A 30 11.30 -2.85 -7.14
C LYS A 30 12.28 -3.20 -6.01
N SER A 31 12.29 -2.37 -4.98
CA SER A 31 12.99 -2.63 -3.75
C SER A 31 12.35 -1.87 -2.59
N ILE A 32 12.52 -2.44 -1.40
CA ILE A 32 12.01 -1.85 -0.18
C ILE A 32 12.76 -0.56 0.12
N ARG A 33 13.95 -0.42 -0.48
CA ARG A 33 14.69 0.78 -0.27
C ARG A 33 14.08 1.86 -1.11
N SER A 34 13.14 2.56 -0.52
CA SER A 34 12.42 3.69 -1.16
C SER A 34 13.30 4.58 -1.99
N LYS A 35 12.83 4.94 -3.19
CA LYS A 35 13.55 5.83 -4.07
C LYS A 35 13.46 7.22 -3.54
N LYS A 36 12.34 7.55 -2.91
CA LYS A 36 12.14 8.86 -2.31
C LYS A 36 11.14 8.80 -1.16
N ILE A 37 11.56 9.25 0.02
CA ILE A 37 10.73 9.24 1.18
C ILE A 37 10.45 10.67 1.60
N ALA A 38 9.52 10.85 2.49
CA ALA A 38 9.28 12.16 3.08
C ALA A 38 8.87 11.87 4.50
N LYS A 39 9.26 12.74 5.42
CA LYS A 39 8.99 12.51 6.85
C LYS A 39 7.46 12.42 7.01
N TRP A 40 7.00 11.42 7.75
CA TRP A 40 5.57 11.34 8.04
C TRP A 40 5.38 11.34 9.56
N ASN A 41 4.64 12.31 10.10
CA ASN A 41 4.36 12.36 11.56
C ASN A 41 3.17 11.48 11.78
N MET A 42 3.48 10.27 12.24
CA MET A 42 2.48 9.25 12.52
C MET A 42 1.62 9.69 13.67
N GLN A 43 0.32 9.71 13.42
CA GLN A 43 -0.66 10.18 14.40
C GLN A 43 -1.42 8.97 14.88
N ASP A 44 -1.07 8.53 16.07
CA ASP A 44 -1.57 7.25 16.56
C ASP A 44 -3.07 7.29 16.77
N GLY A 45 -3.72 6.26 16.28
CA GLY A 45 -5.16 6.06 16.52
C GLY A 45 -6.00 7.06 15.74
N LYS A 46 -5.39 7.78 14.81
CA LYS A 46 -6.10 8.74 13.96
C LYS A 46 -6.12 8.24 12.55
N VAL A 47 -7.24 8.47 11.87
CA VAL A 47 -7.49 7.94 10.54
C VAL A 47 -6.65 8.76 9.57
N ALA A 48 -5.83 8.11 8.75
CA ALA A 48 -5.11 8.82 7.67
C ALA A 48 -5.76 8.50 6.31
N THR A 49 -5.59 9.42 5.41
CA THR A 49 -5.99 9.19 4.06
C THR A 49 -4.76 9.26 3.16
N ALA A 50 -4.50 8.22 2.38
CA ALA A 50 -3.44 8.27 1.45
C ALA A 50 -3.98 8.38 0.04
N HIS A 51 -3.46 9.29 -0.75
CA HIS A 51 -3.75 9.32 -2.16
C HIS A 51 -2.46 9.02 -2.90
N ILE A 52 -2.61 8.23 -3.96
CA ILE A 52 -1.47 7.91 -4.80
C ILE A 52 -1.94 8.22 -6.23
N ILE A 53 -1.13 9.00 -6.94
CA ILE A 53 -1.51 9.45 -8.25
C ILE A 53 -0.34 9.25 -9.19
N TYR A 54 -0.67 8.87 -10.41
CA TYR A 54 0.29 8.72 -11.41
C TYR A 54 -0.38 8.85 -12.78
N ASN A 55 0.31 9.46 -13.73
CA ASN A 55 -0.07 9.26 -15.11
C ASN A 55 1.18 9.08 -15.94
N SER A 56 1.00 8.35 -17.05
CA SER A 56 2.07 7.93 -17.90
C SER A 56 2.69 9.12 -18.58
N VAL A 57 1.95 10.23 -18.67
CA VAL A 57 2.45 11.35 -19.42
C VAL A 57 3.45 12.03 -18.51
N GLY A 58 3.05 12.25 -17.27
CA GLY A 58 3.85 13.06 -16.39
C GLY A 58 4.99 12.24 -15.89
N LYS A 59 4.75 10.93 -15.81
CA LYS A 59 5.74 9.94 -15.37
C LYS A 59 6.22 10.25 -14.00
N ARG A 60 5.29 10.76 -13.18
CA ARG A 60 5.59 11.10 -11.79
C ARG A 60 4.61 10.43 -10.84
N LEU A 61 5.14 9.57 -9.96
CA LEU A 61 4.33 8.87 -9.01
C LEU A 61 4.32 9.72 -7.71
N SER A 62 3.13 10.07 -7.25
CA SER A 62 2.96 10.90 -6.08
C SER A 62 2.04 10.24 -5.10
N ALA A 63 2.30 10.53 -3.84
CA ALA A 63 1.59 10.00 -2.75
C ALA A 63 1.51 11.15 -1.77
N VAL A 64 0.34 11.34 -1.18
CA VAL A 64 0.15 12.25 -0.07
C VAL A 64 -0.65 11.54 1.03
N VAL A 65 -0.16 11.54 2.25
CA VAL A 65 -0.91 11.02 3.35
C VAL A 65 -1.32 12.23 4.18
N SER A 66 -2.60 12.25 4.60
CA SER A 66 -3.01 13.29 5.53
C SER A 66 -3.86 12.74 6.67
N TYR A 67 -3.91 13.52 7.71
CA TYR A 67 -4.65 13.22 8.88
C TYR A 67 -5.68 14.34 8.93
N PRO A 68 -6.85 14.07 9.50
CA PRO A 68 -7.91 15.08 9.53
C PRO A 68 -7.48 16.45 10.03
N ASN A 69 -6.45 16.56 10.86
CA ASN A 69 -5.98 17.85 11.33
C ASN A 69 -5.25 18.70 10.30
N ALA A 70 -5.33 18.23 9.17
CA ALA A 70 -4.68 18.91 8.06
C ALA A 70 -3.18 18.63 8.00
N ASP A 71 -2.58 17.67 8.71
CA ASP A 71 -1.15 17.37 8.65
C ASP A 71 -0.96 16.37 7.53
N SER A 72 0.10 16.53 6.76
CA SER A 72 0.38 15.65 5.65
C SER A 72 1.86 15.50 5.38
N ALA A 73 2.17 14.36 4.78
CA ALA A 73 3.45 14.14 4.24
C ALA A 73 3.15 13.78 2.81
N THR A 74 4.08 14.15 1.95
CA THR A 74 3.99 13.86 0.56
C THR A 74 5.34 13.42 -0.01
N VAL A 75 5.26 12.60 -1.02
CA VAL A 75 6.40 12.08 -1.71
C VAL A 75 6.01 11.90 -3.17
N SER A 76 6.88 12.41 -4.04
CA SER A 76 6.81 12.20 -5.48
C SER A 76 8.11 11.70 -6.05
N TYR A 77 8.03 10.87 -7.09
CA TYR A 77 9.17 10.31 -7.70
C TYR A 77 8.81 10.13 -9.18
N ASP A 78 9.75 10.57 -10.00
CA ASP A 78 9.68 10.49 -11.43
C ASP A 78 10.03 9.11 -11.79
N VAL A 79 9.07 8.44 -12.39
CA VAL A 79 9.27 7.11 -12.76
C VAL A 79 8.29 6.83 -13.86
N ASP A 80 8.70 6.05 -14.78
CA ASP A 80 7.88 5.73 -15.83
C ASP A 80 7.50 4.30 -15.60
N LEU A 81 6.26 4.07 -15.23
CA LEU A 81 5.92 2.80 -14.62
C LEU A 81 5.66 1.69 -15.66
N ASP A 82 5.38 2.11 -16.88
CA ASP A 82 5.28 1.21 -18.02
C ASP A 82 6.64 0.57 -18.20
N ASN A 83 7.69 1.37 -18.12
CA ASN A 83 9.07 0.77 -18.10
C ASN A 83 9.33 -0.23 -17.00
N VAL A 84 8.43 -0.31 -16.02
CA VAL A 84 8.78 -1.02 -14.77
C VAL A 84 7.91 -2.25 -14.61
N LEU A 85 6.61 -2.02 -14.74
CA LEU A 85 5.68 -3.01 -14.33
C LEU A 85 5.28 -3.75 -15.56
N PRO A 86 4.91 -5.03 -15.43
CA PRO A 86 4.26 -5.57 -16.62
C PRO A 86 2.95 -4.77 -16.94
N GLU A 87 2.32 -5.14 -18.05
CA GLU A 87 1.13 -4.51 -18.60
C GLU A 87 -0.05 -4.76 -17.73
N TRP A 88 -0.15 -6.00 -17.29
CA TRP A 88 -1.17 -6.39 -16.37
C TRP A 88 -0.52 -6.56 -15.03
N VAL A 89 -1.21 -6.03 -14.04
CA VAL A 89 -0.74 -6.07 -12.68
C VAL A 89 -1.95 -6.33 -11.84
N ARG A 90 -1.78 -6.56 -10.54
CA ARG A 90 -2.90 -6.45 -9.63
C ARG A 90 -2.48 -5.34 -8.74
N VAL A 91 -3.46 -4.67 -8.16
CA VAL A 91 -3.16 -3.60 -7.25
C VAL A 91 -3.64 -4.02 -5.86
N GLY A 92 -3.06 -3.43 -4.83
CA GLY A 92 -3.31 -4.01 -3.51
C GLY A 92 -2.76 -3.14 -2.40
N LEU A 93 -2.99 -3.61 -1.20
CA LEU A 93 -2.48 -2.93 -0.02
C LEU A 93 -1.78 -4.00 0.75
N SER A 94 -0.78 -3.57 1.50
CA SER A 94 0.03 -4.48 2.25
C SER A 94 0.18 -3.94 3.64
N ALA A 95 0.28 -4.79 4.63
CA ALA A 95 0.81 -4.34 5.88
C ALA A 95 1.56 -5.42 6.58
N THR A 96 2.38 -5.02 7.52
CA THR A 96 3.08 -5.93 8.32
C THR A 96 3.17 -5.24 9.62
N THR A 97 3.26 -6.07 10.63
CA THR A 97 3.81 -5.70 11.89
C THR A 97 5.05 -6.60 11.96
N GLY A 98 5.92 -6.33 12.94
CA GLY A 98 7.10 -7.15 13.16
C GLY A 98 7.26 -7.37 14.64
N LEU A 99 8.39 -7.00 15.20
CA LEU A 99 8.53 -6.96 16.63
C LEU A 99 7.60 -5.87 17.18
N TYR A 100 7.53 -4.74 16.52
CA TYR A 100 6.62 -3.72 16.93
C TYR A 100 5.33 -3.87 16.18
N LYS A 101 4.23 -3.35 16.71
CA LYS A 101 2.96 -3.63 16.11
C LYS A 101 2.07 -2.42 15.94
N GLU A 102 1.02 -2.59 15.14
CA GLU A 102 0.01 -1.58 14.93
C GLU A 102 -1.13 -2.30 14.24
N THR A 103 -2.29 -1.67 14.36
CA THR A 103 -3.43 -2.11 13.56
C THR A 103 -3.07 -1.58 12.20
N ASN A 104 -3.46 -2.32 11.18
CA ASN A 104 -3.23 -1.89 9.86
C ASN A 104 -4.58 -2.01 9.20
N THR A 105 -5.48 -1.13 9.63
CA THR A 105 -6.86 -1.17 9.36
C THR A 105 -7.08 -0.24 8.17
N ILE A 106 -7.68 -0.80 7.14
CA ILE A 106 -8.03 -0.05 5.98
C ILE A 106 -9.50 0.24 6.11
N LEU A 107 -9.89 1.51 6.12
CA LEU A 107 -11.29 1.83 6.18
C LEU A 107 -11.95 1.85 4.79
N SER A 108 -11.17 2.25 3.79
CA SER A 108 -11.74 2.44 2.49
C SER A 108 -10.58 2.48 1.57
N TRP A 109 -10.85 2.24 0.31
CA TRP A 109 -9.82 2.12 -0.67
C TRP A 109 -10.54 2.32 -1.97
N SER A 110 -10.05 3.24 -2.79
CA SER A 110 -10.62 3.36 -4.10
C SER A 110 -9.48 3.42 -5.07
N PHE A 111 -9.75 2.97 -6.26
CA PHE A 111 -8.69 2.89 -7.23
C PHE A 111 -9.28 3.14 -8.59
N THR A 112 -8.53 3.85 -9.42
CA THR A 112 -8.94 4.11 -10.79
C THR A 112 -7.71 3.96 -11.63
N SER A 113 -7.83 3.15 -12.68
CA SER A 113 -6.83 3.05 -13.74
C SER A 113 -7.48 3.35 -15.10
N LYS A 114 -6.78 4.13 -15.92
CA LYS A 114 -7.31 4.48 -17.22
C LYS A 114 -6.25 4.26 -18.27
N LEU A 115 -6.65 3.61 -19.35
CA LEU A 115 -5.79 3.44 -20.49
C LEU A 115 -6.55 4.10 -21.59
N LYS A 116 -6.14 5.31 -21.93
CA LYS A 116 -6.77 6.15 -22.93
C LYS A 116 -6.03 5.87 -24.22
N ALA A 121 -12.66 9.61 -27.12
CA ALA A 121 -12.52 8.90 -25.85
C ALA A 121 -12.46 7.37 -25.92
N GLU A 122 -11.53 6.83 -26.70
CA GLU A 122 -11.28 5.40 -26.65
C GLU A 122 -10.36 5.07 -25.48
N THR A 123 -10.86 5.37 -24.30
CA THR A 123 -10.34 5.06 -22.97
C THR A 123 -10.90 3.77 -22.44
N ASN A 124 -10.01 2.92 -21.95
CA ASN A 124 -10.41 1.88 -21.01
C ASN A 124 -10.28 2.31 -19.58
N ALA A 125 -11.08 1.70 -18.73
CA ALA A 125 -11.09 2.05 -17.33
C ALA A 125 -11.48 0.92 -16.39
N LEU A 126 -10.78 0.91 -15.26
CA LEU A 126 -11.19 0.15 -14.11
C LEU A 126 -11.31 1.12 -12.98
N HIS A 127 -12.41 1.04 -12.28
CA HIS A 127 -12.55 1.76 -11.08
C HIS A 127 -13.25 0.88 -10.05
N PHE A 128 -12.68 0.88 -8.85
CA PHE A 128 -13.37 0.36 -7.71
C PHE A 128 -13.21 1.23 -6.43
N THR A 129 -14.20 1.11 -5.56
CA THR A 129 -14.23 1.77 -4.30
C THR A 129 -14.79 0.79 -3.28
N PHE A 130 -14.06 0.65 -2.17
CA PHE A 130 -14.58 0.02 -0.97
C PHE A 130 -14.58 1.09 0.08
N ASN A 131 -15.77 1.51 0.47
CA ASN A 131 -15.94 2.33 1.68
C ASN A 131 -16.30 1.39 2.77
N GLN A 132 -16.60 0.16 2.41
CA GLN A 132 -16.87 -0.84 3.41
C GLN A 132 -16.26 -2.14 2.89
N PHE A 133 -15.87 -3.01 3.80
CA PHE A 133 -15.37 -4.30 3.43
C PHE A 133 -16.30 -5.32 4.07
N THR A 134 -16.51 -6.47 3.45
CA THR A 134 -17.39 -7.46 4.04
C THR A 134 -16.73 -8.71 4.40
N LYS A 135 -17.39 -9.46 5.29
CA LYS A 135 -16.87 -10.72 5.78
C LYS A 135 -16.26 -11.52 4.65
N ASP A 136 -16.90 -11.51 3.49
CA ASP A 136 -16.36 -12.28 2.39
C ASP A 136 -16.26 -11.43 1.12
N GLN A 137 -15.20 -10.65 1.08
CA GLN A 137 -14.94 -9.78 0.00
C GLN A 137 -14.52 -10.62 -1.20
N LYS A 138 -15.49 -10.95 -2.05
CA LYS A 138 -15.19 -11.78 -3.20
C LYS A 138 -14.34 -11.08 -4.28
N ASP A 139 -14.33 -9.76 -4.31
CA ASP A 139 -13.53 -9.00 -5.29
C ASP A 139 -12.17 -8.61 -4.70
N LEU A 140 -11.90 -9.04 -3.50
CA LEU A 140 -10.56 -8.86 -2.98
C LEU A 140 -9.93 -10.18 -2.81
N ILE A 141 -8.65 -10.23 -3.14
CA ILE A 141 -7.85 -11.40 -2.91
C ILE A 141 -7.09 -11.09 -1.61
N LEU A 142 -7.51 -11.75 -0.52
CA LEU A 142 -6.86 -11.63 0.78
C LEU A 142 -5.70 -12.60 0.91
N GLN A 143 -4.55 -12.05 1.26
CA GLN A 143 -3.36 -12.83 1.39
C GLN A 143 -2.83 -12.65 2.78
N GLY A 144 -2.26 -13.74 3.30
CA GLY A 144 -1.59 -13.72 4.61
C GLY A 144 -2.64 -13.53 5.68
N ASP A 145 -2.45 -12.54 6.57
CA ASP A 145 -3.33 -12.42 7.73
C ASP A 145 -4.50 -11.50 7.49
N ALA A 146 -4.53 -10.84 6.33
CA ALA A 146 -5.67 -9.93 5.95
C ALA A 146 -7.04 -10.58 6.17
N THR A 147 -7.91 -9.91 6.90
CA THR A 147 -9.27 -10.37 7.03
C THR A 147 -10.12 -9.10 7.07
N THR A 148 -11.42 -9.25 6.86
CA THR A 148 -12.31 -8.15 7.11
C THR A 148 -12.90 -8.31 8.51
N ASP A 149 -13.02 -7.25 9.28
CA ASP A 149 -13.49 -7.34 10.64
C ASP A 149 -14.96 -7.04 10.78
N SER A 150 -15.45 -7.09 11.98
CA SER A 150 -16.86 -7.12 12.30
C SER A 150 -17.38 -5.73 11.98
N ASP A 151 -16.44 -4.90 11.63
CA ASP A 151 -16.72 -3.48 11.48
C ASP A 151 -16.62 -3.05 10.03
N GLY A 152 -16.55 -4.01 9.12
CA GLY A 152 -16.45 -3.68 7.73
C GLY A 152 -15.11 -3.05 7.43
N ASN A 153 -14.16 -3.26 8.33
CA ASN A 153 -12.83 -2.79 8.06
C ASN A 153 -11.94 -3.91 7.56
N LEU A 154 -10.96 -3.57 6.76
CA LEU A 154 -9.92 -4.48 6.33
C LEU A 154 -8.77 -4.40 7.31
N GLN A 155 -8.57 -5.47 8.03
CA GLN A 155 -7.43 -5.57 8.95
C GLN A 155 -6.33 -6.30 8.20
N LEU A 156 -5.43 -5.53 7.61
CA LEU A 156 -4.40 -6.15 6.81
C LEU A 156 -3.56 -7.09 7.65
N THR A 157 -3.35 -6.74 8.91
CA THR A 157 -2.63 -7.60 9.81
C THR A 157 -3.44 -7.99 11.07
N ARG A 158 -3.07 -9.10 11.66
CA ARG A 158 -3.75 -9.69 12.77
C ARG A 158 -4.01 -8.77 13.96
N VAL A 159 -5.25 -8.74 14.32
CA VAL A 159 -5.67 -8.04 15.49
C VAL A 159 -6.44 -9.07 16.32
N SER A 160 -6.17 -9.12 17.61
CA SER A 160 -6.90 -9.99 18.52
C SER A 160 -8.35 -9.52 18.55
N SER A 161 -9.24 -10.38 19.01
CA SER A 161 -10.65 -10.01 18.91
C SER A 161 -10.89 -8.67 19.62
N ASP A 162 -9.95 -8.36 20.55
CA ASP A 162 -10.01 -7.08 21.21
C ASP A 162 -9.25 -5.99 20.43
N GLY A 163 -8.99 -6.29 19.23
CA GLY A 163 -8.28 -5.35 18.37
C GLY A 163 -6.89 -4.92 18.84
N THR A 164 -6.27 -5.71 19.73
CA THR A 164 -4.86 -5.50 20.03
C THR A 164 -4.11 -5.98 18.79
N PRO A 165 -3.26 -5.12 18.20
CA PRO A 165 -2.46 -5.54 17.06
C PRO A 165 -1.55 -6.71 17.47
N GLN A 166 -1.33 -7.65 16.56
CA GLN A 166 -0.32 -8.67 16.80
C GLN A 166 0.97 -8.39 16.00
N GLY A 167 2.08 -8.94 16.48
CA GLY A 167 3.40 -8.75 15.80
C GLY A 167 3.64 -9.88 14.83
N ASN A 168 4.64 -9.72 13.97
CA ASN A 168 5.01 -10.74 12.96
C ASN A 168 3.81 -11.13 12.07
N SER A 169 3.07 -10.10 11.65
CA SER A 169 1.94 -10.31 10.79
C SER A 169 2.20 -9.67 9.45
N VAL A 170 1.74 -10.33 8.44
CA VAL A 170 1.75 -9.79 7.09
C VAL A 170 0.41 -10.07 6.50
N GLY A 171 -0.17 -9.05 5.89
CA GLY A 171 -1.37 -9.28 5.09
C GLY A 171 -1.42 -8.38 3.89
N ARG A 172 -2.16 -8.84 2.89
CA ARG A 172 -2.41 -8.03 1.76
C ARG A 172 -3.83 -8.16 1.24
N ALA A 173 -4.25 -7.19 0.47
CA ALA A 173 -5.54 -7.28 -0.22
C ALA A 173 -5.32 -6.73 -1.60
N LEU A 174 -5.46 -7.59 -2.61
CA LEU A 174 -5.47 -7.20 -3.99
C LEU A 174 -6.85 -7.23 -4.61
N PHE A 175 -7.08 -6.29 -5.50
CA PHE A 175 -8.38 -6.27 -6.10
C PHE A 175 -8.45 -7.51 -7.04
N TYR A 176 -9.62 -8.14 -7.11
CA TYR A 176 -9.77 -9.45 -7.74
C TYR A 176 -9.40 -9.41 -9.21
N ALA A 177 -9.67 -8.28 -9.84
CA ALA A 177 -9.40 -8.11 -11.23
C ALA A 177 -8.02 -7.62 -11.44
N PRO A 178 -7.33 -8.21 -12.42
CA PRO A 178 -6.07 -7.70 -12.94
C PRO A 178 -6.33 -6.35 -13.53
N VAL A 179 -5.31 -5.51 -13.58
CA VAL A 179 -5.50 -4.19 -14.05
C VAL A 179 -4.51 -3.95 -15.20
N HIS A 180 -5.00 -3.32 -16.24
CA HIS A 180 -4.23 -3.21 -17.41
C HIS A 180 -3.54 -1.90 -17.30
N ILE A 181 -2.30 -1.94 -16.82
CA ILE A 181 -1.68 -0.72 -16.33
C ILE A 181 -1.08 0.10 -17.42
N TRP A 182 -0.63 -0.54 -18.50
CA TRP A 182 -0.05 0.21 -19.61
C TRP A 182 -0.03 -0.65 -20.85
N GLU A 183 -0.67 -0.19 -21.92
CA GLU A 183 -0.73 -1.03 -23.10
C GLU A 183 0.15 -0.37 -24.13
N SER A 184 0.69 -1.13 -25.08
CA SER A 184 1.65 -0.59 -26.05
C SER A 184 1.09 0.27 -27.20
N SER A 185 -0.20 0.29 -27.28
CA SER A 185 -0.97 1.14 -28.22
C SER A 185 -1.59 2.32 -27.42
N ALA A 186 -1.28 2.34 -26.13
CA ALA A 186 -1.82 3.32 -25.19
C ALA A 186 -1.09 4.62 -25.37
N VAL A 187 -1.84 5.70 -25.19
CA VAL A 187 -1.35 7.05 -25.34
C VAL A 187 -1.11 7.51 -23.91
N VAL A 188 -2.08 7.23 -23.02
CA VAL A 188 -2.00 7.67 -21.65
C VAL A 188 -2.51 6.62 -20.71
N ALA A 189 -1.76 6.37 -19.65
CA ALA A 189 -2.26 5.49 -18.63
C ALA A 189 -2.13 6.28 -17.36
N SER A 190 -3.16 6.27 -16.57
CA SER A 190 -3.07 6.99 -15.34
C SER A 190 -3.73 6.10 -14.37
N PHE A 191 -3.34 6.25 -13.12
CA PHE A 191 -4.10 5.58 -12.09
C PHE A 191 -4.11 6.52 -10.90
N ASP A 192 -5.12 6.36 -10.05
CA ASP A 192 -5.05 6.97 -8.75
C ASP A 192 -5.72 6.09 -7.78
N ALA A 193 -5.16 6.04 -6.56
CA ALA A 193 -5.69 5.22 -5.52
C ALA A 193 -5.91 6.14 -4.34
N THR A 194 -6.77 5.73 -3.42
CA THR A 194 -6.95 6.45 -2.19
C THR A 194 -7.37 5.39 -1.22
N PHE A 195 -6.79 5.38 -0.03
CA PHE A 195 -7.36 4.57 1.02
C PHE A 195 -7.19 5.35 2.31
N THR A 196 -8.02 5.05 3.28
CA THR A 196 -7.96 5.68 4.56
C THR A 196 -7.64 4.53 5.44
N PHE A 197 -6.94 4.83 6.54
CA PHE A 197 -6.37 3.77 7.34
C PHE A 197 -6.19 4.25 8.73
N LEU A 198 -6.30 3.31 9.64
CA LEU A 198 -6.21 3.54 11.04
C LEU A 198 -5.03 2.71 11.47
N ILE A 199 -3.95 3.39 11.77
CA ILE A 199 -2.81 2.80 12.45
C ILE A 199 -2.91 3.16 13.94
N LYS A 200 -3.29 2.21 14.75
CA LYS A 200 -3.14 2.43 16.14
C LYS A 200 -2.22 1.40 16.78
N SER A 201 -1.44 1.94 17.67
CA SER A 201 -0.43 1.15 18.36
C SER A 201 -0.51 1.34 19.89
N PRO A 202 -0.48 0.25 20.69
CA PRO A 202 -0.24 0.39 22.12
C PRO A 202 1.20 0.84 22.29
N ASP A 203 2.10 0.27 21.49
CA ASP A 203 3.45 0.70 21.34
C ASP A 203 3.67 2.11 20.82
N SER A 204 4.65 2.69 21.52
CA SER A 204 5.17 4.03 21.37
C SER A 204 6.05 3.95 20.18
N ASP A 205 6.24 2.71 19.78
CA ASP A 205 6.76 2.49 18.47
C ASP A 205 5.80 1.54 17.74
N PRO A 206 5.14 2.21 16.73
CA PRO A 206 4.39 1.39 15.79
C PRO A 206 5.27 0.67 14.80
N ALA A 207 4.84 -0.45 14.23
CA ALA A 207 5.56 -1.00 13.16
C ALA A 207 4.53 -1.78 12.45
N ASP A 208 4.69 -2.07 11.19
CA ASP A 208 5.72 -1.47 10.29
C ASP A 208 5.18 -0.55 9.20
N GLY A 209 3.88 -0.62 8.90
CA GLY A 209 3.28 0.25 7.92
C GLY A 209 2.37 -0.51 6.98
N ILE A 210 1.95 0.19 5.96
CA ILE A 210 0.91 -0.23 5.06
C ILE A 210 1.42 0.25 3.74
N THR A 211 1.25 -0.55 2.68
CA THR A 211 1.59 0.01 1.40
C THR A 211 0.40 -0.02 0.50
N PHE A 212 0.38 0.84 -0.47
CA PHE A 212 -0.42 0.49 -1.60
C PHE A 212 0.59 0.02 -2.62
N PHE A 213 0.32 -1.09 -3.26
CA PHE A 213 1.26 -1.59 -4.21
C PHE A 213 0.64 -2.05 -5.54
N ILE A 214 1.51 -2.03 -6.55
CA ILE A 214 1.21 -2.54 -7.86
C ILE A 214 2.20 -3.67 -8.11
N SER A 215 1.65 -4.81 -8.46
CA SER A 215 2.46 -5.96 -8.58
C SER A 215 2.04 -6.72 -9.82
N ASN A 216 2.91 -7.55 -10.21
CA ASN A 216 2.60 -8.60 -11.10
C ASN A 216 1.43 -9.38 -10.60
N MET A 217 0.54 -9.73 -11.51
CA MET A 217 -0.76 -10.25 -11.25
C MET A 217 -0.73 -11.36 -10.27
N ASP A 218 0.28 -12.17 -10.41
CA ASP A 218 0.40 -13.43 -9.69
C ASP A 218 0.93 -13.26 -8.28
N SER A 219 1.31 -12.06 -7.93
CA SER A 219 1.96 -11.81 -6.69
C SER A 219 1.26 -12.35 -5.46
N THR A 220 2.05 -13.03 -4.66
CA THR A 220 1.70 -13.55 -3.35
C THR A 220 2.68 -12.99 -2.37
N ILE A 221 2.40 -13.13 -1.09
CA ILE A 221 3.34 -12.63 -0.11
C ILE A 221 4.71 -13.31 -0.24
N PRO A 222 5.77 -12.53 -0.45
CA PRO A 222 7.10 -13.17 -0.55
C PRO A 222 7.52 -13.72 0.82
N SER A 223 7.86 -15.00 0.89
CA SER A 223 8.38 -15.55 2.13
C SER A 223 9.61 -14.70 2.45
N GLY A 224 9.68 -14.21 3.68
CA GLY A 224 10.76 -13.36 4.10
C GLY A 224 10.31 -11.91 4.19
N SER A 225 9.11 -11.63 3.73
CA SER A 225 8.65 -10.21 3.61
C SER A 225 8.00 -9.59 4.85
N GLY A 226 7.89 -10.35 5.93
CA GLY A 226 7.28 -9.84 7.15
C GLY A 226 7.94 -8.58 7.64
N GLY A 227 7.32 -7.93 8.63
CA GLY A 227 7.99 -6.82 9.32
C GLY A 227 8.33 -5.70 8.39
N ARG A 228 9.58 -5.26 8.46
CA ARG A 228 10.08 -4.10 7.73
C ARG A 228 9.95 -4.20 6.21
N LEU A 229 9.73 -5.39 5.69
CA LEU A 229 9.69 -5.56 4.24
C LEU A 229 8.22 -5.53 3.76
N LEU A 230 7.31 -5.21 4.67
CA LEU A 230 5.94 -4.81 4.35
C LEU A 230 5.20 -5.75 3.45
N GLY A 231 5.53 -7.02 3.53
CA GLY A 231 4.86 -8.02 2.73
C GLY A 231 5.08 -7.84 1.23
N LEU A 232 6.18 -7.20 0.84
CA LEU A 232 6.33 -6.82 -0.57
C LEU A 232 7.58 -7.40 -1.28
N PHE A 233 8.60 -7.68 -0.49
CA PHE A 233 9.90 -8.07 -1.05
C PHE A 233 10.42 -9.24 -0.27
N PRO A 234 11.20 -10.10 -0.94
CA PRO A 234 11.69 -11.25 -0.16
C PRO A 234 13.01 -10.92 0.54
N ASP A 235 13.49 -9.70 0.38
CA ASP A 235 14.71 -9.24 1.01
C ASP A 235 14.75 -7.74 0.83
N ALA A 236 15.79 -7.11 1.34
CA ALA A 236 15.93 -5.66 1.30
C ALA A 236 16.96 -5.10 0.30
N ASN A 237 17.23 -5.83 -0.78
CA ASN A 237 18.01 -5.25 -1.90
C ASN A 237 17.31 -3.98 -2.36
CA CA B . 10.39 0.42 7.95
MN MN C . 10.75 2.72 4.60
O2 XMM D . 10.73 -7.84 12.58
C2 XMM D . 11.87 -6.97 12.65
C3 XMM D . 11.75 -5.86 11.62
O3 XMM D . 11.35 -6.56 10.47
C4 XMM D . 10.63 -4.92 12.02
O4 XMM D . 10.69 -3.84 11.16
C5 XMM D . 10.81 -4.38 13.43
O5 XMM D . 10.84 -5.58 14.24
C6 XMM D . 9.66 -3.49 13.80
O6 XMM D . 8.48 -4.32 13.69
C1 XMM D . 11.98 -6.41 14.04
O1 XMM D . 13.16 -5.63 14.12
C7 XMM D . 13.56 -5.12 15.36
C8 XMM D . 14.22 -5.86 16.32
C9 XMM D . 14.45 -4.99 17.35
N1 XMM D . 13.94 -3.79 17.01
C11 XMM D . 13.38 -3.81 15.77
C10 XMM D . 14.64 -7.17 16.40
CL XMM D . 14.32 -8.24 15.02
C13 XMM D . 15.31 -7.60 17.54
BR XMM D . 15.86 -9.39 17.58
C14 XMM D . 15.55 -6.78 18.60
C12 XMM D . 15.10 -5.45 18.50
S SO4 E . -16.61 6.24 -6.99
O1 SO4 E . -17.49 5.58 -8.02
O2 SO4 E . -17.38 7.39 -6.45
O3 SO4 E . -15.35 6.71 -7.58
O4 SO4 E . -16.29 5.28 -5.90
CD CD F . -0.95 -6.07 -24.62
CD CD G . 6.06 5.45 -20.79
C1 GOL H . 0.86 4.18 -21.60
O1 GOL H . 0.62 3.75 -20.28
C2 GOL H . 2.18 3.53 -21.97
O2 GOL H . 2.81 4.39 -22.89
C3 GOL H . 1.89 2.28 -22.76
O3 GOL H . 2.73 1.27 -22.25
C1 GOL I . -5.91 10.46 -6.53
O1 GOL I . -6.41 9.25 -6.08
C2 GOL I . -7.12 11.33 -6.74
O2 GOL I . -7.12 11.82 -8.06
C3 GOL I . -8.32 10.43 -6.53
O3 GOL I . -9.45 11.19 -6.21
C1 GOL J . -4.65 -15.41 -10.36
O1 GOL J . -3.82 -15.89 -9.34
C2 GOL J . -3.92 -15.41 -11.67
O2 GOL J . -2.73 -14.68 -11.52
C3 GOL J . -4.86 -14.84 -12.72
O3 GOL J . -4.13 -14.11 -13.68
#